data_1G8S
#
_entry.id   1G8S
#
_cell.length_a   121.152
_cell.length_b   43.212
_cell.length_c   55.197
_cell.angle_alpha   90.00
_cell.angle_beta   96.98
_cell.angle_gamma   90.00
#
_symmetry.space_group_name_H-M   'C 1 2 1'
#
loop_
_entity.id
_entity.type
_entity.pdbx_description
1 polymer 'FIBRILLARIN-LIKE PRE-RRNA PROCESSING PROTEIN'
2 non-polymer METHIONINE
3 water water
#
_entity_poly.entity_id   1
_entity_poly.type   'polypeptide(L)'
_entity_poly.pdbx_seq_one_letter_code
;MEDIKIKEIFENIYEVDLGDGLKRIATKSIVKGKKVYDEKIIKIGDEEYRIWNPNKSKLAAAIIKGLKVMPIKRDSKILY
LGASAGTTPSHVADIADKGIVYAIEYAPRIMRELLDACAERENIIPILGDANKPQEYANIVEKVDVIYEDVAQPNQAEIL
IKNAKWFLKKGGYGMIAIKARSIDVTKDPKEIFKEQKEILEAGGFKIVDEVDIEPFEKDHVMFVGIWEGK
;
_entity_poly.pdbx_strand_id   A
#
# COMPACT_ATOMS: atom_id res chain seq x y z
N MET A 1 22.30 -12.23 24.69
CA MET A 1 21.61 -11.77 23.46
C MET A 1 21.92 -12.71 22.31
N GLU A 2 21.20 -12.52 21.21
CA GLU A 2 21.40 -13.32 20.01
C GLU A 2 21.84 -12.38 18.91
N ASP A 3 22.42 -12.92 17.85
CA ASP A 3 22.85 -12.10 16.73
C ASP A 3 21.64 -11.36 16.16
N ILE A 4 21.86 -10.17 15.61
CA ILE A 4 20.80 -9.37 15.01
C ILE A 4 21.19 -9.11 13.57
N LYS A 5 20.22 -9.20 12.67
CA LYS A 5 20.49 -8.97 11.27
C LYS A 5 19.39 -8.19 10.58
N ILE A 6 19.78 -7.08 9.97
CA ILE A 6 18.84 -6.25 9.22
C ILE A 6 19.36 -6.28 7.79
N LYS A 7 18.59 -6.86 6.88
CA LYS A 7 19.02 -6.94 5.50
C LYS A 7 17.93 -6.41 4.59
N GLU A 8 18.35 -5.81 3.48
CA GLU A 8 17.41 -5.26 2.52
C GLU A 8 16.71 -6.36 1.74
N ILE A 9 15.41 -6.19 1.56
CA ILE A 9 14.61 -7.12 0.78
C ILE A 9 13.89 -6.24 -0.23
N PHE A 10 13.46 -6.82 -1.35
CA PHE A 10 12.82 -6.05 -2.41
C PHE A 10 13.72 -4.87 -2.68
N GLU A 11 13.18 -3.65 -2.62
CA GLU A 11 14.01 -2.48 -2.81
C GLU A 11 13.67 -1.46 -1.73
N ASN A 12 14.68 -1.13 -0.93
CA ASN A 12 14.53 -0.17 0.15
C ASN A 12 13.51 -0.57 1.22
N ILE A 13 13.40 -1.87 1.47
CA ILE A 13 12.54 -2.42 2.51
C ILE A 13 13.52 -3.30 3.29
N TYR A 14 13.29 -3.48 4.58
CA TYR A 14 14.24 -4.24 5.37
C TYR A 14 13.68 -5.33 6.27
N GLU A 15 14.31 -6.50 6.21
CA GLU A 15 13.92 -7.61 7.05
C GLU A 15 14.70 -7.43 8.35
N VAL A 16 14.00 -7.56 9.47
CA VAL A 16 14.62 -7.40 10.78
C VAL A 16 14.55 -8.73 11.55
N ASP A 17 15.72 -9.32 11.79
CA ASP A 17 15.82 -10.59 12.50
C ASP A 17 16.51 -10.33 13.84
N LEU A 18 15.73 -10.38 14.92
CA LEU A 18 16.27 -10.14 16.25
C LEU A 18 16.75 -11.44 16.90
N GLY A 19 16.65 -12.53 16.16
CA GLY A 19 17.10 -13.82 16.67
C GLY A 19 16.12 -14.49 17.62
N ASP A 20 14.85 -14.09 17.56
CA ASP A 20 13.82 -14.67 18.43
C ASP A 20 12.78 -15.45 17.64
N GLY A 21 13.09 -15.73 16.37
CA GLY A 21 12.18 -16.50 15.54
C GLY A 21 10.96 -15.76 15.00
N LEU A 22 10.83 -14.48 15.32
CA LEU A 22 9.69 -13.69 14.85
C LEU A 22 10.03 -12.89 13.60
N LYS A 23 9.11 -12.86 12.65
CA LYS A 23 9.32 -12.13 11.40
C LYS A 23 8.97 -10.65 11.61
N ARG A 24 9.89 -9.76 11.23
CA ARG A 24 9.68 -8.33 11.36
C ARG A 24 10.26 -7.64 10.14
N ILE A 25 9.67 -6.50 9.77
CA ILE A 25 10.16 -5.75 8.63
C ILE A 25 10.15 -4.28 9.00
N ALA A 26 10.88 -3.48 8.23
CA ALA A 26 10.95 -2.04 8.48
C ALA A 26 11.31 -1.25 7.23
N THR A 27 11.15 0.07 7.33
CA THR A 27 11.53 0.95 6.23
C THR A 27 12.52 1.98 6.82
N LYS A 28 13.32 2.60 5.96
CA LYS A 28 14.27 3.61 6.42
C LYS A 28 13.54 4.94 6.46
N SER A 29 13.39 5.49 7.66
CA SER A 29 12.69 6.76 7.83
C SER A 29 13.30 7.92 7.04
N ILE A 30 12.44 8.70 6.38
CA ILE A 30 12.89 9.87 5.63
C ILE A 30 12.68 11.12 6.48
N VAL A 31 12.14 10.93 7.68
CA VAL A 31 11.93 12.02 8.64
C VAL A 31 12.42 11.52 10.00
N LYS A 32 13.72 11.65 10.21
CA LYS A 32 14.35 11.19 11.44
C LYS A 32 13.86 11.93 12.69
N GLY A 33 13.72 11.17 13.78
CA GLY A 33 13.28 11.74 15.03
C GLY A 33 11.78 11.80 15.22
N LYS A 34 11.03 11.31 14.25
CA LYS A 34 9.57 11.35 14.35
C LYS A 34 8.93 9.98 14.24
N LYS A 35 8.03 9.68 15.18
CA LYS A 35 7.29 8.43 15.16
C LYS A 35 5.89 8.79 14.67
N VAL A 36 5.50 8.21 13.54
CA VAL A 36 4.20 8.47 12.93
C VAL A 36 3.04 7.90 13.74
N TYR A 37 3.17 6.66 14.20
CA TYR A 37 2.13 6.00 14.96
C TYR A 37 2.67 5.18 16.14
N ASP A 38 3.65 5.75 16.82
CA ASP A 38 4.31 5.12 17.96
C ASP A 38 4.94 3.77 17.61
N GLU A 39 5.44 3.68 16.37
CA GLU A 39 6.07 2.46 15.90
C GLU A 39 7.43 2.33 16.61
N LYS A 40 7.93 1.10 16.73
CA LYS A 40 9.23 0.87 17.36
C LYS A 40 10.29 1.30 16.37
N ILE A 41 11.40 1.82 16.86
CA ILE A 41 12.48 2.27 15.99
C ILE A 41 13.83 1.68 16.34
N ILE A 42 14.60 1.34 15.32
CA ILE A 42 15.95 0.82 15.52
C ILE A 42 16.84 1.90 14.93
N LYS A 43 17.51 2.65 15.79
CA LYS A 43 18.36 3.73 15.34
C LYS A 43 19.81 3.26 15.30
N ILE A 44 20.39 3.30 14.11
CA ILE A 44 21.77 2.90 13.90
C ILE A 44 22.47 4.15 13.39
N GLY A 45 23.23 4.80 14.27
CA GLY A 45 23.90 6.02 13.86
C GLY A 45 22.83 7.06 13.61
N ASP A 46 22.76 7.56 12.38
CA ASP A 46 21.77 8.57 12.03
C ASP A 46 20.56 7.96 11.32
N GLU A 47 20.72 6.72 10.87
CA GLU A 47 19.65 6.01 10.17
C GLU A 47 18.63 5.46 11.15
N GLU A 48 17.35 5.62 10.83
CA GLU A 48 16.30 5.11 11.70
C GLU A 48 15.40 4.14 10.96
N TYR A 49 15.35 2.90 11.43
CA TYR A 49 14.51 1.89 10.81
C TYR A 49 13.20 1.81 11.58
N ARG A 50 12.10 2.15 10.90
CA ARG A 50 10.80 2.11 11.53
C ARG A 50 10.16 0.74 11.37
N ILE A 51 9.91 0.06 12.48
CA ILE A 51 9.28 -1.25 12.44
C ILE A 51 7.87 -1.07 11.86
N TRP A 52 7.61 -1.78 10.78
CA TRP A 52 6.35 -1.71 10.03
C TRP A 52 5.39 -2.79 10.53
N ASN A 53 4.45 -2.37 11.38
CA ASN A 53 3.49 -3.26 12.03
C ASN A 53 2.39 -3.82 11.13
N PRO A 54 2.40 -5.15 10.90
CA PRO A 54 1.39 -5.79 10.05
C PRO A 54 -0.02 -5.72 10.63
N ASN A 55 -0.11 -5.46 11.93
CA ASN A 55 -1.40 -5.33 12.59
C ASN A 55 -2.03 -3.98 12.29
N LYS A 56 -1.20 -3.05 11.82
CA LYS A 56 -1.67 -1.69 11.52
C LYS A 56 -1.54 -1.28 10.06
N SER A 57 -0.95 -2.14 9.25
CA SER A 57 -0.76 -1.85 7.83
C SER A 57 -0.96 -3.11 7.00
N LYS A 58 -1.97 -3.10 6.15
CA LYS A 58 -2.26 -4.25 5.31
C LYS A 58 -1.11 -4.60 4.38
N LEU A 59 -0.32 -3.60 3.99
CA LEU A 59 0.81 -3.84 3.09
C LEU A 59 1.89 -4.60 3.86
N ALA A 60 2.14 -4.21 5.10
CA ALA A 60 3.12 -4.91 5.92
C ALA A 60 2.63 -6.35 6.16
N ALA A 61 1.32 -6.49 6.39
CA ALA A 61 0.74 -7.82 6.60
C ALA A 61 0.97 -8.71 5.38
N ALA A 62 0.80 -8.15 4.17
CA ALA A 62 0.98 -8.92 2.96
C ALA A 62 2.44 -9.39 2.84
N ILE A 63 3.38 -8.52 3.17
CA ILE A 63 4.81 -8.86 3.07
C ILE A 63 5.13 -9.95 4.10
N ILE A 64 4.64 -9.78 5.32
CA ILE A 64 4.87 -10.77 6.38
C ILE A 64 4.27 -12.12 6.00
N LYS A 65 3.12 -12.10 5.32
CA LYS A 65 2.43 -13.31 4.92
C LYS A 65 2.91 -13.94 3.62
N GLY A 66 3.99 -13.41 3.03
CA GLY A 66 4.51 -14.02 1.83
C GLY A 66 4.46 -13.33 0.48
N LEU A 67 4.16 -12.03 0.45
CA LEU A 67 4.12 -11.32 -0.82
C LEU A 67 5.48 -11.47 -1.50
N LYS A 68 5.46 -11.80 -2.80
CA LYS A 68 6.69 -11.97 -3.57
C LYS A 68 6.85 -10.88 -4.63
N VAL A 69 5.73 -10.26 -5.04
CA VAL A 69 5.77 -9.21 -6.05
C VAL A 69 5.51 -7.86 -5.38
N MET A 70 6.57 -7.07 -5.23
CA MET A 70 6.48 -5.74 -4.60
C MET A 70 7.02 -4.72 -5.59
N PRO A 71 6.14 -4.12 -6.40
CA PRO A 71 6.47 -3.13 -7.42
C PRO A 71 6.89 -1.73 -6.96
N ILE A 72 6.64 -1.40 -5.71
CA ILE A 72 6.99 -0.08 -5.20
C ILE A 72 8.50 0.01 -4.97
N LYS A 73 9.15 0.85 -5.77
CA LYS A 73 10.59 1.07 -5.69
C LYS A 73 10.96 2.47 -5.22
N ARG A 74 12.26 2.76 -5.15
CA ARG A 74 12.71 4.07 -4.68
C ARG A 74 12.26 5.26 -5.53
N ASP A 75 12.19 5.09 -6.84
CA ASP A 75 11.81 6.19 -7.72
C ASP A 75 10.40 6.03 -8.27
N SER A 76 9.60 5.20 -7.61
CA SER A 76 8.22 4.95 -8.05
C SER A 76 7.29 6.12 -7.79
N LYS A 77 6.31 6.26 -8.69
CA LYS A 77 5.27 7.27 -8.53
C LYS A 77 4.09 6.38 -8.16
N ILE A 78 3.50 6.64 -7.01
CA ILE A 78 2.41 5.83 -6.52
C ILE A 78 1.12 6.62 -6.30
N LEU A 79 0.01 6.03 -6.71
CA LEU A 79 -1.31 6.62 -6.49
C LEU A 79 -1.90 5.79 -5.36
N TYR A 80 -2.09 6.43 -4.20
CA TYR A 80 -2.61 5.77 -3.02
C TYR A 80 -4.09 6.10 -2.83
N LEU A 81 -4.93 5.06 -2.86
CA LEU A 81 -6.38 5.22 -2.70
C LEU A 81 -6.88 4.53 -1.45
N GLY A 82 -7.55 5.28 -0.57
CA GLY A 82 -8.09 4.67 0.63
C GLY A 82 -7.89 5.47 1.90
N ALA A 83 -8.86 5.38 2.80
CA ALA A 83 -8.81 6.09 4.07
C ALA A 83 -7.56 5.69 4.82
N SER A 84 -6.88 6.67 5.40
CA SER A 84 -5.66 6.40 6.16
C SER A 84 -5.32 7.54 7.09
N ALA A 85 -4.84 7.18 8.27
CA ALA A 85 -4.44 8.15 9.28
C ALA A 85 -2.95 8.44 9.05
N GLY A 86 -2.36 7.76 8.06
CA GLY A 86 -0.97 7.98 7.73
C GLY A 86 -0.02 6.80 7.87
N THR A 87 -0.48 5.70 8.48
CA THR A 87 0.37 4.53 8.70
C THR A 87 1.05 3.97 7.45
N THR A 88 0.28 3.37 6.55
CA THR A 88 0.90 2.82 5.35
C THR A 88 1.52 3.88 4.44
N PRO A 89 0.86 5.05 4.28
CA PRO A 89 1.48 6.06 3.41
C PRO A 89 2.87 6.50 3.92
N SER A 90 3.06 6.53 5.24
CA SER A 90 4.35 6.94 5.79
C SER A 90 5.44 5.95 5.36
N HIS A 91 5.13 4.67 5.44
CA HIS A 91 6.09 3.64 5.03
C HIS A 91 6.32 3.62 3.52
N VAL A 92 5.26 3.79 2.74
CA VAL A 92 5.41 3.82 1.29
C VAL A 92 6.29 5.00 0.89
N ALA A 93 6.16 6.13 1.60
CA ALA A 93 6.96 7.30 1.30
C ALA A 93 8.43 7.03 1.63
N ASP A 94 8.68 6.28 2.70
CA ASP A 94 10.04 5.91 3.09
C ASP A 94 10.67 5.11 1.96
N ILE A 95 9.91 4.15 1.43
CA ILE A 95 10.39 3.28 0.37
C ILE A 95 10.69 4.06 -0.92
N ALA A 96 9.70 4.82 -1.38
CA ALA A 96 9.81 5.63 -2.58
C ALA A 96 10.42 7.01 -2.24
N ASP A 97 11.58 6.99 -1.58
CA ASP A 97 12.20 8.25 -1.18
C ASP A 97 12.67 9.11 -2.35
N LYS A 98 12.75 8.51 -3.54
CA LYS A 98 13.14 9.26 -4.73
C LYS A 98 11.95 9.35 -5.67
N GLY A 99 10.76 9.07 -5.14
CA GLY A 99 9.55 9.10 -5.95
C GLY A 99 8.47 10.01 -5.39
N ILE A 100 7.22 9.71 -5.74
CA ILE A 100 6.08 10.51 -5.29
C ILE A 100 4.90 9.63 -4.89
N VAL A 101 4.16 10.07 -3.88
CA VAL A 101 2.99 9.35 -3.43
C VAL A 101 1.79 10.30 -3.46
N TYR A 102 0.86 10.06 -4.36
CA TYR A 102 -0.34 10.88 -4.44
C TYR A 102 -1.36 10.20 -3.53
N ALA A 103 -1.83 10.91 -2.51
CA ALA A 103 -2.79 10.36 -1.57
C ALA A 103 -4.16 10.98 -1.77
N ILE A 104 -5.11 10.18 -2.25
CA ILE A 104 -6.48 10.64 -2.49
C ILE A 104 -7.36 10.38 -1.27
N GLU A 105 -7.96 11.44 -0.73
CA GLU A 105 -8.87 11.31 0.41
C GLU A 105 -10.09 12.19 0.15
N TYR A 106 -11.27 11.66 0.46
CA TYR A 106 -12.53 12.39 0.25
C TYR A 106 -12.90 13.30 1.41
N ALA A 107 -12.82 12.77 2.62
CA ALA A 107 -13.18 13.54 3.80
C ALA A 107 -12.08 14.47 4.31
N PRO A 108 -12.40 15.75 4.46
CA PRO A 108 -11.41 16.73 4.96
C PRO A 108 -10.82 16.29 6.30
N ARG A 109 -11.63 15.64 7.13
CA ARG A 109 -11.18 15.20 8.45
C ARG A 109 -10.14 14.09 8.34
N ILE A 110 -10.27 13.27 7.30
CA ILE A 110 -9.31 12.20 7.09
C ILE A 110 -8.01 12.84 6.61
N MET A 111 -8.13 13.78 5.67
CA MET A 111 -6.95 14.44 5.15
C MET A 111 -6.23 15.19 6.26
N ARG A 112 -7.00 15.74 7.20
CA ARG A 112 -6.43 16.47 8.31
C ARG A 112 -5.48 15.58 9.10
N GLU A 113 -5.94 14.36 9.41
CA GLU A 113 -5.14 13.41 10.16
C GLU A 113 -3.94 12.93 9.35
N LEU A 114 -4.14 12.73 8.05
CA LEU A 114 -3.06 12.28 7.19
C LEU A 114 -1.96 13.33 7.10
N LEU A 115 -2.35 14.59 6.95
CA LEU A 115 -1.39 15.69 6.85
C LEU A 115 -0.59 15.85 8.14
N ASP A 116 -1.23 15.62 9.27
CA ASP A 116 -0.55 15.75 10.56
C ASP A 116 0.43 14.59 10.75
N ALA A 117 -0.02 13.38 10.40
CA ALA A 117 0.81 12.19 10.54
C ALA A 117 1.99 12.17 9.58
N CYS A 118 1.75 12.55 8.33
CA CYS A 118 2.81 12.53 7.33
C CYS A 118 3.48 13.87 7.10
N ALA A 119 3.48 14.70 8.15
CA ALA A 119 4.10 16.01 8.08
C ALA A 119 5.60 15.84 7.90
N GLU A 120 6.16 16.60 6.97
CA GLU A 120 7.59 16.58 6.66
C GLU A 120 7.97 15.56 5.59
N ARG A 121 7.07 14.62 5.30
CA ARG A 121 7.32 13.65 4.25
C ARG A 121 6.81 14.34 2.99
N GLU A 122 7.68 15.19 2.44
CA GLU A 122 7.40 16.01 1.27
C GLU A 122 7.12 15.30 -0.05
N ASN A 123 7.39 13.99 -0.11
CA ASN A 123 7.13 13.28 -1.35
C ASN A 123 5.69 12.77 -1.38
N ILE A 124 4.91 13.12 -0.36
CA ILE A 124 3.50 12.73 -0.32
C ILE A 124 2.71 13.97 -0.77
N ILE A 125 1.89 13.81 -1.80
CA ILE A 125 1.08 14.91 -2.33
C ILE A 125 -0.38 14.62 -2.00
N PRO A 126 -0.96 15.36 -1.04
CA PRO A 126 -2.36 15.17 -0.64
C PRO A 126 -3.30 15.75 -1.68
N ILE A 127 -4.35 14.99 -2.00
CA ILE A 127 -5.32 15.45 -2.99
C ILE A 127 -6.71 15.13 -2.47
N LEU A 128 -7.48 16.18 -2.18
CA LEU A 128 -8.83 15.96 -1.69
C LEU A 128 -9.66 15.55 -2.90
N GLY A 129 -10.21 14.34 -2.88
CA GLY A 129 -10.96 13.90 -4.03
C GLY A 129 -11.77 12.63 -3.83
N ASP A 130 -12.41 12.21 -4.90
CA ASP A 130 -13.25 11.03 -4.92
C ASP A 130 -12.60 10.06 -5.91
N ALA A 131 -12.13 8.92 -5.41
CA ALA A 131 -11.48 7.92 -6.26
C ALA A 131 -12.38 7.41 -7.37
N ASN A 132 -13.69 7.54 -7.19
CA ASN A 132 -14.63 7.08 -8.21
C ASN A 132 -14.73 8.09 -9.35
N LYS A 133 -14.06 9.22 -9.20
CA LYS A 133 -14.05 10.28 -10.21
C LYS A 133 -12.61 10.76 -10.45
N PRO A 134 -11.77 9.88 -11.03
CA PRO A 134 -10.37 10.21 -11.31
C PRO A 134 -10.13 11.38 -12.26
N GLN A 135 -11.08 11.61 -13.17
CA GLN A 135 -10.94 12.70 -14.13
C GLN A 135 -10.76 14.04 -13.42
N GLU A 136 -11.26 14.15 -12.20
CA GLU A 136 -11.16 15.39 -11.44
C GLU A 136 -9.74 15.77 -10.99
N TYR A 137 -8.88 14.78 -10.80
CA TYR A 137 -7.51 15.08 -10.39
C TYR A 137 -6.47 14.66 -11.43
N ALA A 138 -6.93 14.48 -12.66
CA ALA A 138 -6.04 14.06 -13.75
C ALA A 138 -5.04 15.11 -14.22
N ASN A 139 -5.26 16.37 -13.84
CA ASN A 139 -4.33 17.45 -14.20
C ASN A 139 -3.31 17.63 -13.07
N ILE A 140 -3.38 16.76 -12.07
CA ILE A 140 -2.47 16.82 -10.94
C ILE A 140 -1.61 15.56 -10.88
N VAL A 141 -2.26 14.41 -11.01
CA VAL A 141 -1.59 13.13 -10.95
C VAL A 141 -0.95 12.74 -12.27
N GLU A 142 0.37 12.70 -12.29
CA GLU A 142 1.10 12.31 -13.49
C GLU A 142 0.98 10.79 -13.59
N LYS A 143 1.34 10.23 -14.73
CA LYS A 143 1.29 8.78 -14.90
C LYS A 143 2.05 8.12 -13.77
N VAL A 144 1.47 7.08 -13.17
CA VAL A 144 2.12 6.38 -12.06
C VAL A 144 2.59 4.98 -12.40
N ASP A 145 3.52 4.49 -11.59
CA ASP A 145 4.08 3.15 -11.76
C ASP A 145 3.27 2.14 -10.97
N VAL A 146 2.63 2.61 -9.91
CA VAL A 146 1.85 1.73 -9.05
C VAL A 146 0.63 2.42 -8.45
N ILE A 147 -0.45 1.68 -8.35
CA ILE A 147 -1.66 2.17 -7.69
C ILE A 147 -1.83 1.21 -6.52
N TYR A 148 -1.96 1.77 -5.32
CA TYR A 148 -2.18 0.98 -4.12
C TYR A 148 -3.57 1.36 -3.65
N GLU A 149 -4.46 0.39 -3.52
CA GLU A 149 -5.83 0.66 -3.09
C GLU A 149 -6.29 -0.13 -1.87
N ASP A 150 -6.87 0.59 -0.91
CA ASP A 150 -7.39 0.00 0.32
C ASP A 150 -8.73 0.70 0.55
N VAL A 151 -9.73 0.28 -0.21
CA VAL A 151 -11.08 0.86 -0.16
C VAL A 151 -12.10 -0.25 0.05
N ALA A 152 -12.68 -0.29 1.24
CA ALA A 152 -13.65 -1.33 1.58
C ALA A 152 -15.04 -0.97 1.08
N GLN A 153 -15.23 -1.11 -0.24
CA GLN A 153 -16.49 -0.80 -0.90
C GLN A 153 -16.78 -1.85 -1.97
N PRO A 154 -18.07 -2.09 -2.26
CA PRO A 154 -18.42 -3.08 -3.28
C PRO A 154 -17.90 -2.75 -4.68
N ASN A 155 -17.63 -1.48 -4.95
CA ASN A 155 -17.13 -1.06 -6.26
C ASN A 155 -15.61 -0.82 -6.27
N GLN A 156 -14.90 -1.38 -5.29
CA GLN A 156 -13.45 -1.15 -5.24
C GLN A 156 -12.68 -1.62 -6.47
N ALA A 157 -13.09 -2.76 -7.04
CA ALA A 157 -12.41 -3.27 -8.23
C ALA A 157 -12.60 -2.29 -9.38
N GLU A 158 -13.82 -1.81 -9.56
CA GLU A 158 -14.13 -0.86 -10.63
C GLU A 158 -13.31 0.41 -10.45
N ILE A 159 -13.12 0.82 -9.20
CA ILE A 159 -12.33 2.01 -8.91
C ILE A 159 -10.88 1.83 -9.33
N LEU A 160 -10.31 0.67 -9.03
CA LEU A 160 -8.92 0.43 -9.42
C LEU A 160 -8.78 0.47 -10.93
N ILE A 161 -9.70 -0.17 -11.63
CA ILE A 161 -9.68 -0.21 -13.08
C ILE A 161 -9.80 1.18 -13.70
N LYS A 162 -10.72 2.00 -13.22
CA LYS A 162 -10.85 3.33 -13.80
C LYS A 162 -9.61 4.17 -13.54
N ASN A 163 -9.07 4.08 -12.32
CA ASN A 163 -7.87 4.84 -12.01
C ASN A 163 -6.67 4.32 -12.82
N ALA A 164 -6.65 3.03 -13.13
CA ALA A 164 -5.56 2.47 -13.92
C ALA A 164 -5.65 3.01 -15.35
N LYS A 165 -6.87 3.07 -15.88
CA LYS A 165 -7.05 3.57 -17.25
C LYS A 165 -6.55 5.00 -17.35
N TRP A 166 -6.83 5.79 -16.32
CA TRP A 166 -6.43 7.18 -16.30
C TRP A 166 -4.96 7.45 -15.97
N PHE A 167 -4.42 6.69 -15.02
CA PHE A 167 -3.06 6.95 -14.56
C PHE A 167 -1.97 5.89 -14.61
N LEU A 168 -2.35 4.63 -14.68
CA LEU A 168 -1.34 3.57 -14.65
C LEU A 168 -0.62 3.29 -15.98
N LYS A 169 0.70 3.37 -15.94
CA LYS A 169 1.53 3.10 -17.11
C LYS A 169 1.34 1.66 -17.56
N LYS A 170 1.45 1.40 -18.85
CA LYS A 170 1.34 0.03 -19.33
C LYS A 170 2.56 -0.67 -18.73
N GLY A 171 2.34 -1.84 -18.14
CA GLY A 171 3.44 -2.54 -17.51
C GLY A 171 3.50 -2.19 -16.04
N GLY A 172 2.73 -1.17 -15.64
CA GLY A 172 2.69 -0.76 -14.25
C GLY A 172 1.91 -1.77 -13.41
N TYR A 173 1.83 -1.53 -12.10
CA TYR A 173 1.15 -2.45 -11.22
C TYR A 173 0.03 -1.88 -10.38
N GLY A 174 -0.94 -2.74 -10.10
CA GLY A 174 -2.04 -2.38 -9.24
C GLY A 174 -1.99 -3.30 -8.03
N MET A 175 -2.04 -2.72 -6.84
CA MET A 175 -2.02 -3.47 -5.60
C MET A 175 -3.34 -3.12 -4.93
N ILE A 176 -4.15 -4.11 -4.59
CA ILE A 176 -5.43 -3.83 -3.95
C ILE A 176 -5.77 -4.81 -2.84
N ALA A 177 -6.05 -4.26 -1.67
CA ALA A 177 -6.40 -5.06 -0.50
C ALA A 177 -7.91 -5.15 -0.50
N ILE A 178 -8.44 -6.35 -0.68
CA ILE A 178 -9.88 -6.55 -0.75
C ILE A 178 -10.50 -7.24 0.46
N LYS A 179 -11.43 -6.55 1.10
CA LYS A 179 -12.15 -7.09 2.24
C LYS A 179 -13.40 -7.76 1.63
N ALA A 180 -13.45 -9.09 1.68
CA ALA A 180 -14.57 -9.83 1.10
C ALA A 180 -15.95 -9.34 1.52
N ARG A 181 -16.15 -9.14 2.82
CA ARG A 181 -17.44 -8.72 3.36
C ARG A 181 -17.91 -7.33 2.92
N SER A 182 -17.01 -6.52 2.37
CA SER A 182 -17.39 -5.18 1.93
C SER A 182 -18.02 -5.27 0.54
N ILE A 183 -17.93 -6.45 -0.05
CA ILE A 183 -18.47 -6.72 -1.38
C ILE A 183 -19.80 -7.46 -1.28
N ASP A 184 -19.84 -8.47 -0.42
CA ASP A 184 -21.03 -9.31 -0.25
C ASP A 184 -21.01 -9.89 1.16
N VAL A 185 -22.15 -9.81 1.86
CA VAL A 185 -22.25 -10.33 3.22
C VAL A 185 -22.82 -11.74 3.28
N THR A 186 -23.15 -12.32 2.13
CA THR A 186 -23.73 -13.66 2.09
C THR A 186 -22.84 -14.73 1.46
N LYS A 187 -22.28 -14.45 0.30
CA LYS A 187 -21.42 -15.41 -0.40
C LYS A 187 -20.20 -15.84 0.40
N ASP A 188 -19.66 -17.01 0.07
CA ASP A 188 -18.47 -17.51 0.74
C ASP A 188 -17.30 -16.64 0.29
N PRO A 189 -16.44 -16.20 1.22
CA PRO A 189 -15.29 -15.37 0.88
C PRO A 189 -14.49 -15.91 -0.30
N LYS A 190 -14.32 -17.22 -0.34
CA LYS A 190 -13.58 -17.88 -1.40
C LYS A 190 -14.18 -17.51 -2.77
N GLU A 191 -15.50 -17.58 -2.86
CA GLU A 191 -16.19 -17.25 -4.11
C GLU A 191 -16.09 -15.76 -4.44
N ILE A 192 -16.18 -14.92 -3.42
CA ILE A 192 -16.08 -13.48 -3.64
C ILE A 192 -14.72 -13.13 -4.27
N PHE A 193 -13.65 -13.64 -3.67
CA PHE A 193 -12.31 -13.38 -4.19
C PHE A 193 -12.13 -13.87 -5.61
N LYS A 194 -12.72 -15.03 -5.92
CA LYS A 194 -12.63 -15.58 -7.26
C LYS A 194 -13.29 -14.62 -8.25
N GLU A 195 -14.48 -14.12 -7.89
CA GLU A 195 -15.20 -13.20 -8.76
C GLU A 195 -14.46 -11.87 -8.90
N GLN A 196 -13.87 -11.39 -7.81
CA GLN A 196 -13.14 -10.13 -7.87
C GLN A 196 -11.91 -10.27 -8.76
N LYS A 197 -11.24 -11.42 -8.66
CA LYS A 197 -10.06 -11.66 -9.46
C LYS A 197 -10.47 -11.61 -10.94
N GLU A 198 -11.58 -12.24 -11.28
CA GLU A 198 -12.07 -12.27 -12.65
C GLU A 198 -12.39 -10.86 -13.14
N ILE A 199 -12.97 -10.04 -12.28
CA ILE A 199 -13.31 -8.67 -12.63
C ILE A 199 -12.04 -7.89 -12.95
N LEU A 200 -11.00 -8.06 -12.13
CA LEU A 200 -9.75 -7.36 -12.36
C LEU A 200 -9.08 -7.82 -13.67
N GLU A 201 -9.15 -9.11 -13.95
CA GLU A 201 -8.54 -9.64 -15.18
C GLU A 201 -9.30 -9.11 -16.40
N ALA A 202 -10.62 -9.12 -16.32
CA ALA A 202 -11.46 -8.63 -17.41
C ALA A 202 -11.19 -7.14 -17.62
N GLY A 203 -10.83 -6.46 -16.54
CA GLY A 203 -10.55 -5.04 -16.61
C GLY A 203 -9.21 -4.67 -17.23
N GLY A 204 -8.30 -5.64 -17.34
CA GLY A 204 -7.02 -5.35 -17.95
C GLY A 204 -5.79 -5.74 -17.14
N PHE A 205 -6.01 -6.38 -16.00
CA PHE A 205 -4.90 -6.81 -15.14
C PHE A 205 -4.60 -8.29 -15.28
N LYS A 206 -3.32 -8.63 -15.14
CA LYS A 206 -2.85 -10.01 -15.17
C LYS A 206 -2.43 -10.17 -13.71
N ILE A 207 -3.14 -11.00 -12.96
CA ILE A 207 -2.81 -11.17 -11.54
C ILE A 207 -1.50 -11.94 -11.37
N VAL A 208 -0.54 -11.33 -10.67
CA VAL A 208 0.76 -11.97 -10.46
C VAL A 208 1.07 -12.34 -9.00
N ASP A 209 0.22 -11.92 -8.08
CA ASP A 209 0.38 -12.28 -6.67
C ASP A 209 -0.96 -12.17 -5.96
N GLU A 210 -1.11 -12.97 -4.91
CA GLU A 210 -2.34 -13.01 -4.13
C GLU A 210 -1.94 -13.46 -2.74
N VAL A 211 -2.18 -12.63 -1.74
CA VAL A 211 -1.80 -12.94 -0.37
C VAL A 211 -2.95 -12.82 0.62
N ASP A 212 -3.25 -13.92 1.32
CA ASP A 212 -4.27 -13.93 2.35
C ASP A 212 -3.58 -13.28 3.53
N ILE A 213 -4.09 -12.17 4.04
CA ILE A 213 -3.42 -11.52 5.15
C ILE A 213 -3.91 -11.84 6.56
N GLU A 214 -4.53 -13.00 6.73
CA GLU A 214 -4.96 -13.43 8.05
C GLU A 214 -3.65 -13.85 8.72
N PRO A 215 -3.57 -13.81 10.05
CA PRO A 215 -4.61 -13.40 11.00
C PRO A 215 -4.67 -11.90 11.25
N PHE A 216 -3.85 -11.12 10.54
CA PHE A 216 -3.84 -9.68 10.73
C PHE A 216 -5.17 -9.05 10.34
N GLU A 217 -5.80 -9.64 9.32
CA GLU A 217 -7.10 -9.17 8.83
C GLU A 217 -7.90 -10.40 8.42
N LYS A 218 -9.14 -10.50 8.88
CA LYS A 218 -9.99 -11.63 8.55
C LYS A 218 -10.64 -11.45 7.18
N ASP A 219 -10.52 -12.48 6.34
CA ASP A 219 -11.10 -12.46 5.01
C ASP A 219 -10.73 -11.23 4.18
N HIS A 220 -9.43 -10.96 4.13
CA HIS A 220 -8.86 -9.86 3.35
C HIS A 220 -7.77 -10.50 2.52
N VAL A 221 -7.69 -10.12 1.26
CA VAL A 221 -6.67 -10.65 0.36
C VAL A 221 -6.02 -9.52 -0.42
N MET A 222 -4.70 -9.54 -0.51
CA MET A 222 -3.97 -8.52 -1.26
C MET A 222 -3.70 -9.08 -2.65
N PHE A 223 -4.22 -8.42 -3.67
CA PHE A 223 -3.99 -8.84 -5.04
C PHE A 223 -2.98 -7.89 -5.67
N VAL A 224 -2.12 -8.43 -6.54
CA VAL A 224 -1.15 -7.62 -7.24
C VAL A 224 -1.29 -8.00 -8.70
N GLY A 225 -1.40 -7.02 -9.57
CA GLY A 225 -1.55 -7.29 -10.98
C GLY A 225 -0.81 -6.32 -11.87
N ILE A 226 -0.37 -6.82 -13.02
CA ILE A 226 0.35 -6.00 -13.98
C ILE A 226 -0.71 -5.44 -14.93
N TRP A 227 -0.64 -4.15 -15.18
CA TRP A 227 -1.60 -3.47 -16.05
C TRP A 227 -1.22 -3.58 -17.52
N GLU A 228 -2.07 -4.21 -18.30
CA GLU A 228 -1.80 -4.37 -19.73
C GLU A 228 -2.75 -3.54 -20.58
N GLY A 229 -3.47 -2.63 -19.95
CA GLY A 229 -4.41 -1.78 -20.67
C GLY A 229 -5.82 -2.33 -20.63
N LYS A 230 -6.45 -2.40 -21.80
CA LYS A 230 -7.81 -2.91 -21.89
C LYS A 230 -7.85 -4.43 -21.71
#